data_3TPZ
#
_entry.id   3TPZ
#
_cell.length_a   239.007
_cell.length_b   38.534
_cell.length_c   64.752
_cell.angle_alpha   90.00
_cell.angle_beta   96.34
_cell.angle_gamma   90.00
#
_symmetry.space_group_name_H-M   'C 1 2 1'
#
loop_
_entity.id
_entity.type
_entity.pdbx_description
1 polymer 'Ribosomal RNA small subunit methyltransferase A'
2 non-polymer 'CHLORIDE ION'
3 non-polymer 'PHOSPHATE ION'
4 water water
#
_entity_poly.entity_id   1
_entity_poly.type   'polypeptide(L)'
_entity_poly.pdbx_seq_one_letter_code
;MNNRVHQGHLARKRFGQNFLNDQFVIDSIVSAINPQKGQAMVEIGPGLAALTEPVGERLDQLTVIELDRDLAARLQTHPF
LGPKLTIYQQDAMTFNFGELAEKMGQPLRVFGNPPYNISTPLMFHLFSYTDAIADMHFMLQKEVVNRLVAGPNSKAYGRL
SVMAQYYCNVIPVLEVPPSAFTPPPKVDSAVVRLVPHATMPHPVKDVRVLSRITTEAFNQRRKTIRNSLGNLFSVEVLTG
MGIDPAMRAENISVAQYCQMANYLAENAPLQES
;
_entity_poly.pdbx_strand_id   A,B
#
# COMPACT_ATOMS: atom_id res chain seq x y z
N PHE A 15 31.54 -0.09 -2.63
CA PHE A 15 31.36 -1.30 -1.77
C PHE A 15 30.29 -1.06 -0.69
N GLY A 16 29.57 -2.13 -0.31
CA GLY A 16 28.55 -2.05 0.73
C GLY A 16 27.33 -2.92 0.46
N GLN A 17 27.39 -4.17 0.95
CA GLN A 17 26.28 -5.10 0.76
C GLN A 17 25.89 -5.84 2.04
N ASN A 18 24.59 -5.85 2.33
CA ASN A 18 24.04 -6.61 3.44
C ASN A 18 23.02 -7.60 2.90
N PHE A 19 23.10 -8.84 3.39
CA PHE A 19 22.27 -9.92 2.84
C PHE A 19 21.17 -10.35 3.79
N LEU A 20 19.94 -10.43 3.28
CA LEU A 20 18.82 -10.93 4.08
C LEU A 20 19.10 -12.34 4.60
N ASN A 21 18.90 -12.54 5.90
CA ASN A 21 19.10 -13.85 6.52
C ASN A 21 17.85 -14.43 7.19
N ASP A 22 16.78 -13.65 7.24
CA ASP A 22 15.63 -14.05 8.05
C ASP A 22 14.57 -14.74 7.19
N GLN A 23 14.40 -16.03 7.42
CA GLN A 23 13.46 -16.85 6.66
C GLN A 23 12.03 -16.29 6.68
N PHE A 24 11.58 -15.90 7.87
CA PHE A 24 10.22 -15.41 8.06
C PHE A 24 9.99 -14.04 7.41
N VAL A 25 11.02 -13.20 7.41
CA VAL A 25 10.98 -11.91 6.73
C VAL A 25 10.98 -12.10 5.22
N ILE A 26 11.85 -13.02 4.76
CA ILE A 26 11.95 -13.38 3.35
C ILE A 26 10.62 -13.90 2.83
N ASP A 27 10.00 -14.86 3.53
CA ASP A 27 8.69 -15.38 3.14
C ASP A 27 7.61 -14.30 3.13
N SER A 28 7.77 -13.30 4.00
CA SER A 28 6.86 -12.17 4.02
C SER A 28 7.01 -11.32 2.75
N ILE A 29 8.24 -10.86 2.51
CA ILE A 29 8.58 -10.12 1.29
C ILE A 29 8.12 -10.85 0.03
N VAL A 30 8.33 -12.16 -0.02
CA VAL A 30 8.01 -12.96 -1.20
C VAL A 30 6.48 -13.00 -1.41
N SER A 31 5.72 -13.23 -0.34
CA SER A 31 4.27 -13.25 -0.44
C SER A 31 3.72 -11.86 -0.78
N ALA A 32 4.42 -10.83 -0.30
CA ALA A 32 4.14 -9.44 -0.64
C ALA A 32 4.36 -9.16 -2.13
N ILE A 33 5.47 -9.67 -2.69
CA ILE A 33 5.74 -9.50 -4.12
C ILE A 33 4.79 -10.35 -4.94
N ASN A 34 4.42 -11.50 -4.39
CA ASN A 34 3.50 -12.44 -5.03
C ASN A 34 3.88 -12.76 -6.48
N PRO A 35 5.08 -13.35 -6.68
CA PRO A 35 5.51 -13.70 -8.02
C PRO A 35 4.69 -14.85 -8.59
N GLN A 36 4.35 -14.73 -9.85
CA GLN A 36 3.48 -15.68 -10.53
C GLN A 36 4.09 -16.02 -11.87
N LYS A 37 3.94 -17.28 -12.26
CA LYS A 37 4.41 -17.76 -13.56
C LYS A 37 3.82 -16.90 -14.68
N GLY A 38 4.63 -16.65 -15.71
CA GLY A 38 4.19 -15.83 -16.82
C GLY A 38 4.66 -14.39 -16.75
N GLN A 39 4.91 -13.91 -15.54
CA GLN A 39 5.37 -12.53 -15.35
C GLN A 39 6.86 -12.41 -15.63
N ALA A 40 7.28 -11.20 -16.02
CA ALA A 40 8.68 -10.90 -16.29
C ALA A 40 9.35 -10.25 -15.08
N MET A 41 9.78 -11.07 -14.11
CA MET A 41 10.44 -10.54 -12.90
C MET A 41 11.89 -10.25 -13.17
N VAL A 42 12.38 -9.16 -12.60
CA VAL A 42 13.78 -8.72 -12.74
C VAL A 42 14.32 -8.36 -11.37
N GLU A 43 15.29 -9.12 -10.87
CA GLU A 43 15.87 -8.82 -9.56
C GLU A 43 17.13 -7.98 -9.69
N ILE A 44 17.20 -6.92 -8.91
CA ILE A 44 18.40 -6.09 -8.80
C ILE A 44 19.12 -6.44 -7.51
N GLY A 45 20.41 -6.71 -7.63
CA GLY A 45 21.24 -7.15 -6.51
C GLY A 45 20.72 -8.41 -5.84
N PRO A 46 20.64 -9.53 -6.60
CA PRO A 46 20.22 -10.81 -6.01
C PRO A 46 21.04 -11.22 -4.80
N GLY A 47 22.32 -10.82 -4.82
CA GLY A 47 23.26 -11.11 -3.74
C GLY A 47 23.52 -12.59 -3.58
N LEU A 48 23.18 -13.11 -2.41
CA LEU A 48 23.37 -14.52 -2.08
C LEU A 48 22.10 -15.35 -2.31
N ALA A 49 21.19 -14.82 -3.12
CA ALA A 49 19.99 -15.53 -3.57
C ALA A 49 18.92 -15.70 -2.51
N ALA A 50 18.97 -14.85 -1.48
CA ALA A 50 18.00 -14.87 -0.38
C ALA A 50 16.56 -14.76 -0.88
N LEU A 51 16.33 -13.79 -1.76
CA LEU A 51 15.02 -13.65 -2.39
C LEU A 51 14.96 -14.44 -3.69
N THR A 52 16.09 -14.52 -4.38
CA THR A 52 16.16 -15.19 -5.68
C THR A 52 15.70 -16.65 -5.63
N GLU A 53 16.13 -17.39 -4.62
CA GLU A 53 15.74 -18.78 -4.47
C GLU A 53 14.22 -18.98 -4.39
N PRO A 54 13.57 -18.43 -3.34
CA PRO A 54 12.13 -18.63 -3.18
C PRO A 54 11.29 -18.04 -4.32
N VAL A 55 11.74 -16.91 -4.88
CA VAL A 55 11.09 -16.33 -6.05
C VAL A 55 11.26 -17.27 -7.25
N GLY A 56 12.51 -17.65 -7.54
CA GLY A 56 12.82 -18.61 -8.60
C GLY A 56 11.96 -19.86 -8.58
N GLU A 57 11.86 -20.50 -7.40
CA GLU A 57 11.05 -21.72 -7.24
C GLU A 57 9.63 -21.62 -7.81
N ARG A 58 9.06 -20.42 -7.75
CA ARG A 58 7.70 -20.18 -8.22
C ARG A 58 7.63 -19.92 -9.73
N LEU A 59 8.78 -19.84 -10.39
CA LEU A 59 8.84 -19.41 -11.80
C LEU A 59 9.56 -20.41 -12.68
N ASP A 60 9.40 -20.25 -13.99
CA ASP A 60 10.17 -21.02 -14.95
C ASP A 60 11.29 -20.20 -15.59
N GLN A 61 11.26 -18.88 -15.37
CA GLN A 61 12.25 -17.95 -15.95
C GLN A 61 12.43 -16.75 -15.02
N LEU A 62 13.68 -16.33 -14.83
CA LEU A 62 13.98 -15.14 -14.06
C LEU A 62 15.19 -14.38 -14.60
N THR A 63 15.13 -13.06 -14.51
CA THR A 63 16.20 -12.19 -14.93
C THR A 63 16.78 -11.49 -13.69
N VAL A 64 18.10 -11.44 -13.62
CA VAL A 64 18.77 -10.73 -12.52
C VAL A 64 19.92 -9.91 -13.05
N ILE A 65 20.13 -8.78 -12.39
CA ILE A 65 21.24 -7.89 -12.70
C ILE A 65 22.04 -7.82 -11.42
N GLU A 66 23.29 -8.27 -11.49
CA GLU A 66 24.13 -8.35 -10.32
C GLU A 66 25.48 -7.76 -10.70
N LEU A 67 25.90 -6.75 -9.95
CA LEU A 67 27.11 -5.98 -10.24
C LEU A 67 28.39 -6.77 -9.94
N ASP A 68 28.38 -7.47 -8.80
CA ASP A 68 29.52 -8.24 -8.30
C ASP A 68 29.79 -9.44 -9.19
N ARG A 69 31.02 -9.54 -9.68
CA ARG A 69 31.42 -10.61 -10.60
C ARG A 69 31.27 -12.00 -9.98
N ASP A 70 31.77 -12.16 -8.75
CA ASP A 70 31.68 -13.43 -8.04
C ASP A 70 30.24 -13.87 -7.77
N LEU A 71 29.42 -12.92 -7.29
CA LEU A 71 28.04 -13.21 -6.94
C LEU A 71 27.22 -13.60 -8.17
N ALA A 72 27.49 -12.95 -9.29
CA ALA A 72 26.85 -13.30 -10.56
C ALA A 72 27.29 -14.68 -11.04
N ALA A 73 28.59 -14.97 -10.92
CA ALA A 73 29.13 -16.28 -11.30
C ALA A 73 28.51 -17.43 -10.47
N ARG A 74 28.28 -17.17 -9.18
CA ARG A 74 27.75 -18.18 -8.28
C ARG A 74 26.30 -18.56 -8.60
N LEU A 75 25.48 -17.56 -8.94
CA LEU A 75 24.09 -17.82 -9.34
C LEU A 75 24.04 -18.62 -10.63
N GLN A 76 25.07 -18.45 -11.48
CA GLN A 76 25.11 -19.12 -12.78
C GLN A 76 25.18 -20.64 -12.58
N THR A 77 25.92 -21.06 -11.55
CA THR A 77 26.09 -22.47 -11.23
C THR A 77 25.17 -22.98 -10.10
N HIS A 78 24.26 -22.13 -9.63
CA HIS A 78 23.26 -22.55 -8.64
C HIS A 78 22.45 -23.74 -9.17
N PRO A 79 22.34 -24.83 -8.38
CA PRO A 79 21.73 -26.07 -8.85
C PRO A 79 20.30 -25.95 -9.39
N PHE A 80 19.49 -25.10 -8.77
CA PHE A 80 18.08 -24.97 -9.17
C PHE A 80 17.78 -23.75 -9.99
N LEU A 81 18.38 -22.62 -9.60
CA LEU A 81 18.20 -21.34 -10.28
C LEU A 81 18.90 -21.30 -11.64
N GLY A 82 20.13 -21.81 -11.69
CA GLY A 82 20.93 -21.84 -12.92
C GLY A 82 20.17 -21.90 -14.22
N PRO A 83 19.38 -22.97 -14.45
CA PRO A 83 18.66 -23.11 -15.73
C PRO A 83 17.59 -22.05 -16.00
N LYS A 84 17.03 -21.48 -14.93
CA LYS A 84 15.96 -20.49 -15.03
C LYS A 84 16.45 -19.04 -15.26
N LEU A 85 17.74 -18.79 -15.04
CA LEU A 85 18.26 -17.42 -14.97
C LEU A 85 18.90 -16.85 -16.22
N THR A 86 18.56 -15.59 -16.52
CA THR A 86 19.37 -14.73 -17.38
C THR A 86 20.03 -13.71 -16.45
N ILE A 87 21.36 -13.64 -16.48
CA ILE A 87 22.13 -12.83 -15.53
C ILE A 87 22.87 -11.73 -16.24
N TYR A 88 22.65 -10.48 -15.82
CA TYR A 88 23.42 -9.34 -16.36
C TYR A 88 24.44 -8.88 -15.35
N GLN A 89 25.72 -9.02 -15.68
CA GLN A 89 26.75 -8.64 -14.74
C GLN A 89 27.16 -7.18 -14.96
N GLN A 90 26.46 -6.26 -14.28
CA GLN A 90 26.64 -4.83 -14.48
C GLN A 90 25.88 -3.95 -13.49
N ASP A 91 26.16 -2.66 -13.59
CA ASP A 91 25.41 -1.62 -12.91
C ASP A 91 24.00 -1.50 -13.52
N ALA A 92 23.00 -1.61 -12.64
CA ALA A 92 21.60 -1.46 -13.03
C ALA A 92 21.31 -0.08 -13.61
N MET A 93 22.17 0.89 -13.32
CA MET A 93 22.05 2.26 -13.87
C MET A 93 22.27 2.27 -15.38
N THR A 94 23.18 1.43 -15.86
CA THR A 94 23.50 1.39 -17.28
C THR A 94 22.52 0.50 -18.05
N PHE A 95 21.59 -0.13 -17.34
CA PHE A 95 20.68 -1.10 -17.94
C PHE A 95 19.41 -0.47 -18.52
N ASN A 96 19.17 -0.76 -19.80
CA ASN A 96 17.96 -0.31 -20.46
C ASN A 96 16.79 -1.25 -20.18
N PHE A 97 15.98 -0.86 -19.19
CA PHE A 97 14.81 -1.65 -18.80
C PHE A 97 13.72 -1.61 -19.87
N GLY A 98 13.64 -0.51 -20.61
CA GLY A 98 12.63 -0.37 -21.64
C GLY A 98 12.87 -1.38 -22.73
N GLU A 99 14.13 -1.51 -23.13
CA GLU A 99 14.58 -2.52 -24.08
C GLU A 99 14.24 -3.95 -23.60
N LEU A 100 14.40 -4.21 -22.30
CA LEU A 100 14.08 -5.53 -21.76
C LEU A 100 12.59 -5.82 -21.83
N ALA A 101 11.78 -4.80 -21.54
CA ALA A 101 10.33 -4.94 -21.56
C ALA A 101 9.88 -5.21 -22.98
N GLU A 102 10.59 -4.60 -23.92
CA GLU A 102 10.37 -4.79 -25.34
C GLU A 102 10.68 -6.24 -25.72
N LYS A 103 11.84 -6.70 -25.27
CA LYS A 103 12.29 -8.05 -25.52
C LYS A 103 11.36 -9.06 -24.83
N MET A 104 10.96 -8.75 -23.60
CA MET A 104 10.06 -9.64 -22.83
C MET A 104 8.64 -9.64 -23.39
N GLY A 105 8.23 -8.53 -24.00
CA GLY A 105 6.89 -8.41 -24.57
C GLY A 105 5.85 -8.02 -23.54
N GLN A 106 6.30 -7.59 -22.36
CA GLN A 106 5.41 -7.15 -21.29
C GLN A 106 6.19 -6.28 -20.28
N PRO A 107 5.48 -5.46 -19.46
CA PRO A 107 6.22 -4.65 -18.50
C PRO A 107 6.79 -5.51 -17.37
N LEU A 108 7.90 -5.04 -16.80
CA LEU A 108 8.70 -5.79 -15.86
C LEU A 108 8.19 -5.60 -14.44
N ARG A 109 8.41 -6.61 -13.60
CA ARG A 109 8.20 -6.48 -12.15
C ARG A 109 9.58 -6.48 -11.53
N VAL A 110 10.04 -5.30 -11.19
CA VAL A 110 11.39 -5.16 -10.72
C VAL A 110 11.32 -5.24 -9.21
N PHE A 111 12.29 -5.93 -8.62
CA PHE A 111 12.37 -6.06 -7.17
C PHE A 111 13.80 -6.26 -6.75
N GLY A 112 14.05 -6.13 -5.45
CA GLY A 112 15.32 -6.50 -4.90
C GLY A 112 15.88 -5.55 -3.88
N ASN A 113 17.20 -5.51 -3.83
CA ASN A 113 17.94 -4.79 -2.83
C ASN A 113 19.10 -4.08 -3.52
N PRO A 114 18.82 -2.89 -4.08
CA PRO A 114 19.83 -2.12 -4.80
C PRO A 114 20.93 -1.64 -3.87
N PRO A 115 22.20 -1.62 -4.34
CA PRO A 115 23.26 -1.05 -3.51
C PRO A 115 22.87 0.38 -3.14
N TYR A 116 23.08 0.75 -1.88
CA TYR A 116 22.74 2.08 -1.37
C TYR A 116 23.20 3.22 -2.31
N ASN A 117 24.46 3.18 -2.73
CA ASN A 117 25.04 4.24 -3.56
C ASN A 117 24.28 4.59 -4.86
N ILE A 118 23.38 3.71 -5.30
CA ILE A 118 22.59 3.97 -6.50
C ILE A 118 21.08 3.90 -6.28
N SER A 119 20.67 3.67 -5.04
CA SER A 119 19.25 3.47 -4.73
C SER A 119 18.35 4.65 -5.13
N THR A 120 18.85 5.89 -4.98
CA THR A 120 18.10 7.07 -5.41
C THR A 120 18.11 7.22 -6.94
N PRO A 121 19.31 7.27 -7.56
CA PRO A 121 19.35 7.42 -9.02
C PRO A 121 18.61 6.32 -9.79
N LEU A 122 18.57 5.11 -9.24
CA LEU A 122 17.92 3.97 -9.92
C LEU A 122 16.41 4.14 -10.04
N MET A 123 15.78 4.71 -9.01
CA MET A 123 14.36 5.06 -9.06
C MET A 123 14.08 6.02 -10.20
N PHE A 124 14.86 7.10 -10.26
CA PHE A 124 14.73 8.07 -11.36
C PHE A 124 14.88 7.36 -12.70
N HIS A 125 15.97 6.61 -12.83
CA HIS A 125 16.22 5.79 -14.03
C HIS A 125 14.99 4.95 -14.37
N LEU A 126 14.50 4.19 -13.38
CA LEU A 126 13.33 3.34 -13.60
C LEU A 126 12.03 4.09 -13.89
N PHE A 127 11.87 5.27 -13.31
CA PHE A 127 10.66 6.06 -13.52
C PHE A 127 10.52 6.50 -14.98
N SER A 128 11.64 6.76 -15.63
CA SER A 128 11.66 7.26 -17.00
C SER A 128 11.23 6.21 -18.04
N TYR A 129 11.27 4.94 -17.66
CA TYR A 129 10.78 3.88 -18.55
C TYR A 129 9.27 3.69 -18.44
N THR A 130 8.63 4.45 -17.55
CA THR A 130 7.17 4.49 -17.44
C THR A 130 6.51 3.13 -17.67
N ASP A 131 5.85 3.00 -18.82
CA ASP A 131 5.08 1.82 -19.22
C ASP A 131 5.84 0.49 -19.25
N ALA A 132 7.17 0.56 -19.21
CA ALA A 132 7.98 -0.65 -19.24
C ALA A 132 8.06 -1.34 -17.88
N ILE A 133 7.63 -0.64 -16.83
CA ILE A 133 7.69 -1.18 -15.49
C ILE A 133 6.28 -1.37 -14.92
N ALA A 134 5.92 -2.61 -14.63
CA ALA A 134 4.61 -2.91 -14.03
C ALA A 134 4.57 -2.44 -12.58
N ASP A 135 5.56 -2.87 -11.79
CA ASP A 135 5.74 -2.39 -10.43
C ASP A 135 7.16 -2.65 -9.94
N MET A 136 7.43 -2.17 -8.72
CA MET A 136 8.74 -2.27 -8.10
C MET A 136 8.55 -2.61 -6.63
N HIS A 137 9.36 -3.55 -6.13
CA HIS A 137 9.44 -3.83 -4.70
C HIS A 137 10.91 -3.72 -4.31
N PHE A 138 11.25 -2.66 -3.59
CA PHE A 138 12.65 -2.43 -3.24
C PHE A 138 12.85 -2.43 -1.75
N MET A 139 14.00 -2.95 -1.35
CA MET A 139 14.49 -2.84 0.00
C MET A 139 15.38 -1.61 -0.01
N LEU A 140 15.10 -0.66 0.88
CA LEU A 140 15.81 0.61 0.87
C LEU A 140 16.01 1.08 2.28
N GLN A 141 16.97 1.99 2.46
CA GLN A 141 17.12 2.68 3.73
C GLN A 141 15.77 3.25 4.16
N LYS A 142 15.54 3.28 5.47
CA LYS A 142 14.28 3.80 6.03
C LYS A 142 14.06 5.26 5.65
N GLU A 143 15.10 6.08 5.82
CA GLU A 143 15.01 7.51 5.57
C GLU A 143 14.67 7.84 4.10
N VAL A 144 15.02 6.92 3.20
CA VAL A 144 14.66 7.06 1.79
C VAL A 144 13.19 6.71 1.55
N VAL A 145 12.70 5.71 2.28
CA VAL A 145 11.28 5.32 2.21
C VAL A 145 10.41 6.44 2.78
N ASN A 146 10.90 7.10 3.81
CA ASN A 146 10.25 8.27 4.39
C ASN A 146 10.15 9.41 3.40
N ARG A 147 11.24 9.64 2.65
CA ARG A 147 11.28 10.66 1.62
C ARG A 147 10.33 10.37 0.46
N LEU A 148 10.28 9.11 0.01
CA LEU A 148 9.43 8.69 -1.11
C LEU A 148 7.95 9.00 -0.88
N VAL A 149 7.49 8.75 0.35
CA VAL A 149 6.07 8.78 0.68
C VAL A 149 5.64 10.09 1.39
N ALA A 150 6.61 10.95 1.68
CA ALA A 150 6.41 12.16 2.49
C ALA A 150 5.42 13.17 1.90
N GLY A 151 4.50 13.65 2.73
CA GLY A 151 3.62 14.73 2.36
C GLY A 151 4.28 16.05 2.70
N PRO A 152 3.75 17.16 2.16
CA PRO A 152 4.24 18.50 2.47
C PRO A 152 4.29 18.81 3.99
N ASN A 153 5.15 19.77 4.35
CA ASN A 153 5.32 20.27 5.73
C ASN A 153 6.10 19.32 6.63
N SER A 154 7.02 18.60 6.00
CA SER A 154 7.84 17.59 6.67
C SER A 154 9.30 17.74 6.24
N LYS A 155 10.22 17.41 7.15
CA LYS A 155 11.65 17.40 6.84
C LYS A 155 11.98 16.38 5.77
N ALA A 156 11.23 15.28 5.73
CA ALA A 156 11.40 14.22 4.73
C ALA A 156 10.91 14.62 3.33
N TYR A 157 9.95 15.55 3.26
CA TYR A 157 9.40 16.01 1.99
C TYR A 157 10.44 16.81 1.22
N GLY A 158 10.73 16.36 0.01
CA GLY A 158 11.76 16.96 -0.83
C GLY A 158 11.52 16.67 -2.29
N ARG A 159 12.52 16.92 -3.12
CA ARG A 159 12.42 16.70 -4.56
C ARG A 159 12.00 15.28 -4.92
N LEU A 160 12.58 14.29 -4.23
CA LEU A 160 12.28 12.89 -4.48
C LEU A 160 10.81 12.56 -4.23
N SER A 161 10.26 13.10 -3.15
CA SER A 161 8.84 12.93 -2.81
C SER A 161 7.94 13.29 -3.98
N VAL A 162 8.23 14.46 -4.58
CA VAL A 162 7.41 15.05 -5.63
C VAL A 162 7.54 14.25 -6.93
N MET A 163 8.77 13.93 -7.30
CA MET A 163 9.04 13.19 -8.53
C MET A 163 8.47 11.78 -8.49
N ALA A 164 8.71 11.08 -7.39
CA ALA A 164 8.24 9.72 -7.21
C ALA A 164 6.71 9.70 -7.21
N GLN A 165 6.09 10.60 -6.45
CA GLN A 165 4.64 10.66 -6.38
C GLN A 165 4.00 11.13 -7.68
N TYR A 166 4.73 11.95 -8.44
CA TYR A 166 4.30 12.30 -9.78
C TYR A 166 4.13 11.04 -10.63
N TYR A 167 5.14 10.17 -10.59
CA TYR A 167 5.20 8.97 -11.43
C TYR A 167 4.44 7.78 -10.87
N CYS A 168 4.47 7.63 -9.55
CA CYS A 168 4.12 6.36 -8.93
C CYS A 168 3.22 6.51 -7.71
N ASN A 169 2.35 5.52 -7.52
CA ASN A 169 1.74 5.27 -6.24
C ASN A 169 2.83 4.64 -5.40
N VAL A 170 3.10 5.23 -4.23
CA VAL A 170 4.18 4.76 -3.37
C VAL A 170 3.61 4.13 -2.09
N ILE A 171 3.86 2.84 -1.90
CA ILE A 171 3.31 2.14 -0.74
C ILE A 171 4.39 1.42 0.09
N PRO A 172 4.72 1.98 1.27
CA PRO A 172 5.58 1.28 2.23
C PRO A 172 4.95 -0.08 2.59
N VAL A 173 5.73 -1.15 2.48
CA VAL A 173 5.20 -2.50 2.58
C VAL A 173 5.55 -3.20 3.88
N LEU A 174 6.84 -3.22 4.22
CA LEU A 174 7.32 -3.91 5.40
C LEU A 174 8.51 -3.17 6.03
N GLU A 175 8.55 -3.15 7.36
CA GLU A 175 9.66 -2.59 8.13
C GLU A 175 10.63 -3.70 8.45
N VAL A 176 11.91 -3.48 8.16
CA VAL A 176 12.91 -4.53 8.33
C VAL A 176 14.02 -4.02 9.27
N PRO A 177 14.13 -4.62 10.46
CA PRO A 177 15.16 -4.23 11.42
C PRO A 177 16.54 -4.76 10.99
N PRO A 178 17.64 -4.13 11.46
CA PRO A 178 18.96 -4.52 10.98
C PRO A 178 19.34 -5.99 11.22
N SER A 179 18.80 -6.60 12.28
CA SER A 179 19.13 -7.98 12.64
C SER A 179 18.64 -9.06 11.66
N ALA A 180 17.91 -8.66 10.62
CA ALA A 180 17.47 -9.61 9.57
C ALA A 180 18.49 -9.67 8.42
N PHE A 181 19.59 -8.94 8.58
CA PHE A 181 20.68 -8.88 7.61
C PHE A 181 22.00 -9.36 8.21
N THR A 182 22.79 -10.04 7.40
CA THR A 182 24.18 -10.36 7.71
C THR A 182 25.05 -9.67 6.64
N PRO A 183 25.89 -8.71 7.06
CA PRO A 183 25.94 -8.14 8.41
C PRO A 183 24.83 -7.10 8.58
N PRO A 184 24.56 -6.67 9.82
CA PRO A 184 23.53 -5.65 10.01
C PRO A 184 23.98 -4.27 9.50
N PRO A 185 23.05 -3.46 8.97
CA PRO A 185 23.37 -2.09 8.54
C PRO A 185 23.28 -1.09 9.69
N LYS A 186 23.75 0.12 9.44
CA LYS A 186 23.74 1.20 10.44
C LYS A 186 22.34 1.78 10.68
N VAL A 187 21.43 1.58 9.74
CA VAL A 187 20.07 2.12 9.83
C VAL A 187 18.96 1.08 9.60
N ASP A 188 17.73 1.49 9.92
CA ASP A 188 16.55 0.71 9.62
C ASP A 188 16.29 0.68 8.11
N SER A 189 15.59 -0.36 7.67
CA SER A 189 15.24 -0.53 6.27
C SER A 189 13.76 -0.77 6.14
N ALA A 190 13.24 -0.61 4.93
CA ALA A 190 11.85 -0.91 4.64
C ALA A 190 11.74 -1.39 3.21
N VAL A 191 10.80 -2.27 2.97
CA VAL A 191 10.42 -2.66 1.62
C VAL A 191 9.33 -1.69 1.19
N VAL A 192 9.47 -1.18 -0.04
CA VAL A 192 8.50 -0.26 -0.59
C VAL A 192 7.99 -0.77 -1.94
N ARG A 193 6.69 -0.63 -2.15
CA ARG A 193 6.09 -0.94 -3.44
C ARG A 193 5.89 0.36 -4.19
N LEU A 194 6.39 0.42 -5.43
CA LEU A 194 6.10 1.55 -6.32
C LEU A 194 5.35 1.11 -7.57
N VAL A 195 4.13 1.64 -7.76
CA VAL A 195 3.35 1.29 -8.95
C VAL A 195 3.16 2.52 -9.85
N PRO A 196 3.82 2.55 -11.02
CA PRO A 196 3.57 3.63 -11.96
C PRO A 196 2.06 3.83 -12.17
N HIS A 197 1.61 5.09 -12.14
CA HIS A 197 0.18 5.41 -12.27
C HIS A 197 -0.39 4.93 -13.60
N ALA A 198 -1.47 4.15 -13.55
CA ALA A 198 -2.24 3.82 -14.75
C ALA A 198 -2.80 5.11 -15.37
N THR A 199 -3.33 5.99 -14.53
CA THR A 199 -3.69 7.34 -14.92
C THR A 199 -2.98 8.38 -14.05
N MET A 200 -2.20 9.25 -14.69
CA MET A 200 -1.51 10.34 -14.00
C MET A 200 -2.52 11.22 -13.25
N PRO A 201 -2.37 11.32 -11.92
CA PRO A 201 -3.23 12.21 -11.14
C PRO A 201 -3.00 13.67 -11.51
N HIS A 202 -1.74 14.01 -11.78
CA HIS A 202 -1.37 15.38 -12.13
C HIS A 202 -0.52 15.39 -13.40
N PRO A 203 -1.15 15.11 -14.56
CA PRO A 203 -0.40 15.02 -15.82
C PRO A 203 0.39 16.31 -16.06
N VAL A 204 1.58 16.16 -16.62
CA VAL A 204 2.49 17.29 -16.84
C VAL A 204 3.05 17.20 -18.26
N LYS A 205 2.85 18.28 -19.02
CA LYS A 205 3.23 18.37 -20.44
C LYS A 205 4.70 18.09 -20.69
N ASP A 206 5.56 18.55 -19.77
CA ASP A 206 7.00 18.32 -19.88
C ASP A 206 7.61 18.03 -18.50
N VAL A 207 7.94 16.76 -18.25
CA VAL A 207 8.43 16.30 -16.94
C VAL A 207 9.83 16.85 -16.61
N ARG A 208 10.50 17.34 -17.64
CA ARG A 208 11.82 17.93 -17.50
C ARG A 208 11.69 19.24 -16.70
N VAL A 209 10.60 19.95 -16.93
CA VAL A 209 10.33 21.25 -16.29
C VAL A 209 10.04 21.07 -14.80
N LEU A 210 9.23 20.05 -14.49
CA LEU A 210 8.91 19.68 -13.12
C LEU A 210 10.18 19.29 -12.37
N SER A 211 11.02 18.51 -13.03
CA SER A 211 12.30 18.09 -12.48
C SER A 211 13.17 19.32 -12.13
N ARG A 212 13.18 20.29 -13.03
CA ARG A 212 13.97 21.51 -12.85
C ARG A 212 13.45 22.39 -11.72
N ILE A 213 12.14 22.62 -11.72
CA ILE A 213 11.50 23.45 -10.69
C ILE A 213 11.82 22.88 -9.31
N THR A 214 11.58 21.58 -9.15
CA THR A 214 11.86 20.89 -7.88
C THR A 214 13.33 20.96 -7.49
N THR A 215 14.21 20.78 -8.48
CA THR A 215 15.64 20.87 -8.26
C THR A 215 16.03 22.24 -7.68
N GLU A 216 15.69 23.30 -8.41
CA GLU A 216 16.02 24.66 -7.96
C GLU A 216 15.28 25.06 -6.68
N ALA A 217 14.05 24.58 -6.52
CA ALA A 217 13.27 24.86 -5.31
C ALA A 217 13.95 24.29 -4.07
N PHE A 218 14.31 23.01 -4.13
CA PHE A 218 14.82 22.29 -2.96
C PHE A 218 16.31 22.48 -2.67
N ASN A 219 17.05 23.10 -3.59
CA ASN A 219 18.41 23.54 -3.27
C ASN A 219 18.41 24.62 -2.19
N GLN A 220 17.38 25.46 -2.22
CA GLN A 220 17.18 26.50 -1.21
C GLN A 220 15.89 26.22 -0.44
N ARG A 221 15.96 25.25 0.46
CA ARG A 221 14.81 24.82 1.26
C ARG A 221 14.30 25.91 2.20
N ARG A 222 15.25 26.60 2.84
CA ARG A 222 14.91 27.63 3.83
C ARG A 222 14.38 28.92 3.19
N LYS A 223 14.91 29.28 2.03
CA LYS A 223 14.48 30.47 1.30
C LYS A 223 13.05 30.30 0.76
N THR A 224 12.32 31.40 0.69
CA THR A 224 10.94 31.40 0.21
C THR A 224 10.89 31.15 -1.31
N ILE A 225 9.77 30.59 -1.78
CA ILE A 225 9.57 30.30 -3.20
C ILE A 225 9.80 31.54 -4.08
N ARG A 226 9.37 32.70 -3.58
CA ARG A 226 9.67 34.02 -4.17
C ARG A 226 11.18 34.24 -4.37
N ASN A 227 11.97 33.93 -3.35
CA ASN A 227 13.43 34.00 -3.44
C ASN A 227 14.02 32.85 -4.26
N SER A 228 13.65 31.62 -3.87
CA SER A 228 14.20 30.38 -4.43
C SER A 228 14.01 30.23 -5.93
N LEU A 229 12.88 30.70 -6.45
CA LEU A 229 12.62 30.64 -7.89
C LEU A 229 11.96 31.90 -8.48
N GLY A 230 12.40 33.07 -8.01
CA GLY A 230 12.08 34.34 -8.66
C GLY A 230 12.66 34.37 -10.06
N ASN A 231 13.62 33.48 -10.32
CA ASN A 231 14.20 33.25 -11.64
C ASN A 231 13.13 32.85 -12.67
N LEU A 232 12.18 32.02 -12.25
CA LEU A 232 11.28 31.35 -13.18
C LEU A 232 9.87 31.91 -13.19
N PHE A 233 9.41 32.36 -12.03
CA PHE A 233 8.07 32.92 -11.89
C PHE A 233 8.11 34.32 -11.27
N SER A 234 7.32 35.23 -11.83
CA SER A 234 7.09 36.52 -11.20
C SER A 234 6.09 36.35 -10.06
N VAL A 235 6.07 37.32 -9.15
CA VAL A 235 5.20 37.29 -7.98
C VAL A 235 3.73 37.19 -8.38
N GLU A 236 3.38 37.80 -9.50
CA GLU A 236 2.00 37.79 -10.02
C GLU A 236 1.58 36.43 -10.56
N VAL A 237 2.51 35.74 -11.23
CA VAL A 237 2.27 34.40 -11.76
C VAL A 237 1.94 33.42 -10.63
N LEU A 238 2.73 33.46 -9.56
CA LEU A 238 2.56 32.57 -8.41
C LEU A 238 1.23 32.82 -7.71
N THR A 239 0.94 34.09 -7.42
CA THR A 239 -0.28 34.46 -6.73
C THR A 239 -1.49 34.27 -7.63
N GLY A 240 -1.29 34.41 -8.94
CA GLY A 240 -2.31 34.06 -9.92
C GLY A 240 -2.62 32.56 -9.94
N MET A 241 -1.68 31.77 -9.44
CA MET A 241 -1.88 30.32 -9.34
C MET A 241 -2.47 29.89 -7.99
N GLY A 242 -2.61 30.86 -7.08
CA GLY A 242 -3.08 30.56 -5.71
C GLY A 242 -1.95 30.32 -4.72
N ILE A 243 -0.70 30.51 -5.16
CA ILE A 243 0.48 30.23 -4.33
C ILE A 243 0.90 31.44 -3.51
N ASP A 244 1.07 31.22 -2.20
CA ASP A 244 1.63 32.24 -1.31
C ASP A 244 3.15 32.34 -1.54
N PRO A 245 3.65 33.50 -2.04
CA PRO A 245 5.08 33.65 -2.31
C PRO A 245 5.98 33.50 -1.07
N ALA A 246 5.38 33.59 0.12
CA ALA A 246 6.12 33.46 1.38
C ALA A 246 6.39 32.01 1.77
N MET A 247 5.79 31.07 1.04
CA MET A 247 5.98 29.63 1.28
C MET A 247 7.39 29.17 0.95
N ARG A 248 7.88 28.21 1.72
CA ARG A 248 9.12 27.54 1.39
C ARG A 248 8.79 26.28 0.56
N ALA A 249 9.82 25.60 0.06
CA ALA A 249 9.63 24.42 -0.79
C ALA A 249 8.80 23.29 -0.16
N GLU A 250 8.97 23.08 1.14
N GLU A 250 8.97 23.09 1.15
CA GLU A 250 8.23 22.04 1.87
CA GLU A 250 8.26 22.06 1.90
C GLU A 250 6.73 22.30 1.92
C GLU A 250 6.74 22.32 1.98
N ASN A 251 6.34 23.56 1.77
CA ASN A 251 4.93 23.97 1.90
C ASN A 251 4.10 23.73 0.65
N ILE A 252 4.77 23.54 -0.48
CA ILE A 252 4.12 23.44 -1.78
C ILE A 252 3.74 22.00 -2.06
N SER A 253 2.46 21.77 -2.33
CA SER A 253 1.94 20.43 -2.55
C SER A 253 2.46 19.87 -3.87
N VAL A 254 2.36 18.56 -4.03
CA VAL A 254 2.74 17.87 -5.26
C VAL A 254 1.96 18.42 -6.48
N ALA A 255 0.65 18.58 -6.30
CA ALA A 255 -0.23 19.15 -7.33
C ALA A 255 0.20 20.56 -7.73
N GLN A 256 0.54 21.37 -6.74
CA GLN A 256 1.03 22.74 -6.96
C GLN A 256 2.30 22.77 -7.82
N TYR A 257 3.28 21.91 -7.49
CA TYR A 257 4.50 21.76 -8.33
C TYR A 257 4.17 21.38 -9.77
N CYS A 258 3.22 20.47 -9.94
CA CYS A 258 2.77 20.05 -11.28
C CYS A 258 2.05 21.18 -12.01
N GLN A 259 1.32 22.01 -11.25
CA GLN A 259 0.67 23.19 -11.81
C GLN A 259 1.71 24.18 -12.34
N MET A 260 2.72 24.47 -11.52
CA MET A 260 3.82 25.36 -11.90
C MET A 260 4.56 24.88 -13.14
N ALA A 261 4.78 23.56 -13.22
CA ALA A 261 5.43 22.96 -14.38
C ALA A 261 4.58 23.13 -15.63
N ASN A 262 3.29 22.87 -15.48
CA ASN A 262 2.36 23.08 -16.57
C ASN A 262 2.30 24.55 -16.99
N TYR A 263 2.40 25.46 -16.03
CA TYR A 263 2.45 26.88 -16.34
C TYR A 263 3.63 27.21 -17.27
N LEU A 264 4.85 26.91 -16.83
CA LEU A 264 6.06 27.24 -17.61
C LEU A 264 6.10 26.64 -19.00
N ALA A 265 5.63 25.41 -19.14
CA ALA A 265 5.57 24.73 -20.43
C ALA A 265 4.57 25.39 -21.39
N GLU A 266 3.50 25.96 -20.84
CA GLU A 266 2.42 26.54 -21.65
C GLU A 266 2.59 28.04 -21.91
N ASN A 267 3.54 28.66 -21.21
CA ASN A 267 3.80 30.10 -21.34
C ASN A 267 5.28 30.42 -21.54
N MET B 1 -47.69 -13.62 1.55
CA MET B 1 -46.35 -14.26 1.38
CA MET B 1 -46.59 -13.94 0.61
C MET B 1 -46.32 -15.45 0.42
N ASN B 2 -45.09 -15.80 0.06
CA ASN B 2 -44.75 -17.05 -0.64
C ASN B 2 -45.22 -18.37 0.00
N ASN B 3 -45.80 -19.25 -0.82
CA ASN B 3 -46.37 -20.51 -0.35
C ASN B 3 -45.37 -21.68 -0.27
N ARG B 4 -44.54 -21.70 0.77
CA ARG B 4 -43.59 -22.79 0.98
C ARG B 4 -44.29 -24.07 1.41
N VAL B 5 -43.98 -25.16 0.72
CA VAL B 5 -44.74 -26.40 0.84
C VAL B 5 -43.87 -27.55 1.35
N HIS B 6 -42.57 -27.44 1.14
CA HIS B 6 -41.61 -28.45 1.60
C HIS B 6 -40.22 -27.83 1.62
N GLN B 7 -39.50 -28.06 2.71
CA GLN B 7 -38.06 -27.80 2.70
C GLN B 7 -37.32 -29.06 3.16
N GLY B 8 -36.46 -29.60 2.29
CA GLY B 8 -35.73 -30.83 2.61
C GLY B 8 -34.66 -30.66 3.67
N HIS B 9 -34.33 -31.75 4.36
CA HIS B 9 -33.39 -31.69 5.50
C HIS B 9 -31.97 -31.29 5.06
N LEU B 10 -31.64 -31.52 3.79
CA LEU B 10 -30.35 -31.09 3.23
C LEU B 10 -30.38 -29.67 2.66
N ALA B 11 -31.53 -28.99 2.80
CA ALA B 11 -31.72 -27.64 2.30
C ALA B 11 -32.04 -26.65 3.42
N ARG B 12 -31.68 -27.03 4.65
CA ARG B 12 -31.95 -26.20 5.84
C ARG B 12 -30.71 -25.40 6.22
N LYS B 13 -30.26 -24.56 5.29
CA LYS B 13 -29.05 -23.75 5.48
C LYS B 13 -29.11 -22.51 4.60
N ARG B 14 -28.63 -21.39 5.14
CA ARG B 14 -28.63 -20.12 4.41
C ARG B 14 -27.24 -19.82 3.86
N PHE B 15 -27.18 -19.51 2.56
CA PHE B 15 -25.94 -19.12 1.89
C PHE B 15 -25.38 -17.87 2.55
N GLY B 16 -24.12 -17.96 2.99
CA GLY B 16 -23.49 -16.87 3.73
C GLY B 16 -22.04 -17.13 4.05
N GLN B 17 -21.77 -18.22 4.77
CA GLN B 17 -20.38 -18.53 5.18
C GLN B 17 -19.61 -19.12 4.01
N ASN B 18 -18.36 -18.69 3.87
CA ASN B 18 -17.46 -19.31 2.92
C ASN B 18 -16.16 -19.63 3.65
N PHE B 19 -15.85 -20.92 3.73
CA PHE B 19 -14.72 -21.37 4.53
C PHE B 19 -13.53 -21.69 3.66
N LEU B 20 -12.36 -21.22 4.10
CA LEU B 20 -11.14 -21.39 3.33
C LEU B 20 -10.77 -22.87 3.30
N ASN B 21 -10.50 -23.39 2.11
CA ASN B 21 -10.12 -24.78 1.97
C ASN B 21 -8.78 -25.02 1.28
N ASP B 22 -8.19 -23.97 0.71
CA ASP B 22 -6.99 -24.13 -0.14
C ASP B 22 -5.70 -23.93 0.63
N GLN B 23 -4.80 -24.90 0.53
CA GLN B 23 -3.57 -24.92 1.32
C GLN B 23 -2.58 -23.82 0.96
N PHE B 24 -2.36 -23.63 -0.35
CA PHE B 24 -1.50 -22.56 -0.85
C PHE B 24 -1.93 -21.19 -0.35
N VAL B 25 -3.24 -20.91 -0.39
CA VAL B 25 -3.80 -19.66 0.12
C VAL B 25 -3.55 -19.55 1.62
N ILE B 26 -3.87 -20.60 2.36
CA ILE B 26 -3.67 -20.62 3.81
C ILE B 26 -2.18 -20.42 4.15
N ASP B 27 -1.31 -21.10 3.40
CA ASP B 27 0.13 -20.93 3.58
C ASP B 27 0.60 -19.52 3.26
N SER B 28 0.05 -18.96 2.18
CA SER B 28 0.38 -17.60 1.74
C SER B 28 -0.01 -16.55 2.79
N ILE B 29 -1.20 -16.71 3.36
CA ILE B 29 -1.69 -15.78 4.36
C ILE B 29 -0.79 -15.84 5.58
N VAL B 30 -0.56 -17.05 6.09
CA VAL B 30 0.30 -17.24 7.24
C VAL B 30 1.68 -16.57 7.01
N SER B 31 2.28 -16.81 5.85
N SER B 31 2.31 -16.85 5.88
CA SER B 31 3.60 -16.24 5.54
CA SER B 31 3.58 -16.21 5.57
C SER B 31 3.57 -14.72 5.30
C SER B 31 3.41 -14.71 5.68
N ALA B 32 2.39 -14.18 5.00
CA ALA B 32 2.15 -12.73 4.94
C ALA B 32 2.02 -12.13 6.34
N ILE B 33 1.33 -12.81 7.23
CA ILE B 33 1.13 -12.34 8.60
C ILE B 33 2.44 -12.46 9.38
N ASN B 34 3.09 -13.62 9.22
CA ASN B 34 4.24 -13.97 10.01
C ASN B 34 3.89 -13.82 11.49
N PRO B 35 2.96 -14.66 12.00
CA PRO B 35 2.60 -14.57 13.42
C PRO B 35 3.79 -14.95 14.30
N GLN B 36 4.08 -14.08 15.26
CA GLN B 36 5.19 -14.28 16.19
C GLN B 36 4.66 -14.31 17.61
N LYS B 37 5.35 -15.04 18.48
CA LYS B 37 5.04 -15.01 19.91
C LYS B 37 5.30 -13.60 20.44
N GLY B 38 4.58 -13.21 21.49
CA GLY B 38 4.68 -11.86 22.03
C GLY B 38 3.87 -10.80 21.30
N GLN B 39 3.02 -11.24 20.37
CA GLN B 39 2.10 -10.35 19.68
C GLN B 39 0.65 -10.66 20.06
N ALA B 40 -0.19 -9.63 20.01
CA ALA B 40 -1.59 -9.81 20.36
C ALA B 40 -2.36 -10.05 19.07
N MET B 41 -2.41 -11.32 18.67
CA MET B 41 -3.12 -11.67 17.43
C MET B 41 -4.60 -11.84 17.72
N VAL B 42 -5.43 -11.39 16.78
CA VAL B 42 -6.89 -11.41 16.92
C VAL B 42 -7.55 -11.80 15.61
N GLU B 43 -8.25 -12.93 15.58
CA GLU B 43 -8.92 -13.35 14.34
C GLU B 43 -10.39 -12.99 14.29
N ILE B 44 -10.79 -12.44 13.13
CA ILE B 44 -12.18 -12.20 12.79
C ILE B 44 -12.72 -13.30 11.88
N GLY B 45 -13.83 -13.90 12.26
CA GLY B 45 -14.42 -14.99 11.49
C GLY B 45 -13.51 -16.21 11.41
N PRO B 46 -13.10 -16.76 12.59
CA PRO B 46 -12.21 -17.93 12.60
C PRO B 46 -12.81 -19.12 11.86
N GLY B 47 -14.14 -19.25 11.91
CA GLY B 47 -14.84 -20.23 11.12
C GLY B 47 -14.53 -21.65 11.57
N LEU B 48 -13.95 -22.41 10.65
CA LEU B 48 -13.59 -23.80 10.89
C LEU B 48 -12.09 -23.95 11.14
N ALA B 49 -11.47 -22.85 11.59
CA ALA B 49 -10.09 -22.85 12.08
C ALA B 49 -9.02 -23.08 11.00
N ALA B 50 -9.35 -22.78 9.74
CA ALA B 50 -8.43 -23.00 8.62
C ALA B 50 -7.20 -22.12 8.74
N LEU B 51 -7.38 -20.93 9.30
CA LEU B 51 -6.25 -20.09 9.64
C LEU B 51 -5.97 -20.21 11.13
N THR B 52 -7.01 -20.35 11.93
CA THR B 52 -6.86 -20.44 13.39
C THR B 52 -5.81 -21.49 13.79
N GLU B 53 -5.80 -22.65 13.12
CA GLU B 53 -4.89 -23.74 13.46
C GLU B 53 -3.41 -23.47 13.13
N PRO B 54 -3.06 -23.12 11.88
CA PRO B 54 -1.64 -22.90 11.63
C PRO B 54 -1.12 -21.60 12.24
N VAL B 55 -2.01 -20.63 12.46
CA VAL B 55 -1.63 -19.39 13.14
C VAL B 55 -1.35 -19.67 14.61
N GLY B 56 -2.30 -20.35 15.27
CA GLY B 56 -2.17 -20.73 16.68
C GLY B 56 -0.91 -21.54 16.96
N GLU B 57 -0.68 -22.54 16.11
CA GLU B 57 0.55 -23.33 16.15
C GLU B 57 1.80 -22.52 16.46
N ARG B 58 1.85 -21.27 16.00
CA ARG B 58 3.06 -20.44 16.12
C ARG B 58 3.01 -19.51 17.31
N LEU B 59 1.93 -19.61 18.11
CA LEU B 59 1.68 -18.68 19.21
C LEU B 59 1.53 -19.39 20.55
N ASP B 60 1.62 -18.62 21.64
CA ASP B 60 1.31 -19.14 22.97
C ASP B 60 -0.19 -19.02 23.28
N GLN B 61 -0.81 -17.97 22.75
CA GLN B 61 -2.23 -17.73 22.89
C GLN B 61 -2.73 -16.96 21.68
N LEU B 62 -4.04 -17.05 21.43
CA LEU B 62 -4.65 -16.37 20.31
C LEU B 62 -6.10 -15.99 20.68
N THR B 63 -6.55 -14.83 20.20
CA THR B 63 -7.92 -14.35 20.41
C THR B 63 -8.73 -14.37 19.13
N VAL B 64 -10.00 -14.72 19.24
CA VAL B 64 -10.88 -14.78 18.08
C VAL B 64 -12.25 -14.17 18.38
N ILE B 65 -12.80 -13.52 17.36
CA ILE B 65 -14.15 -12.96 17.42
C ILE B 65 -15.01 -13.69 16.40
N GLU B 66 -16.03 -14.39 16.89
CA GLU B 66 -16.88 -15.22 16.02
C GLU B 66 -18.34 -14.96 16.32
N LEU B 67 -19.08 -14.61 15.28
CA LEU B 67 -20.50 -14.32 15.41
C LEU B 67 -21.34 -15.57 15.70
N ASP B 68 -21.08 -16.63 14.95
CA ASP B 68 -21.86 -17.87 15.03
C ASP B 68 -21.63 -18.59 16.36
N ARG B 69 -22.67 -18.67 17.19
CA ARG B 69 -22.54 -19.25 18.52
C ARG B 69 -22.03 -20.70 18.52
N ASP B 70 -22.51 -21.51 17.58
CA ASP B 70 -22.05 -22.90 17.49
C ASP B 70 -20.57 -22.99 17.08
N LEU B 71 -20.17 -22.17 16.11
CA LEU B 71 -18.78 -22.15 15.64
C LEU B 71 -17.82 -21.70 16.74
N ALA B 72 -18.23 -20.68 17.49
CA ALA B 72 -17.51 -20.20 18.68
C ALA B 72 -17.37 -21.29 19.72
N ALA B 73 -18.46 -22.03 19.93
CA ALA B 73 -18.47 -23.12 20.90
C ALA B 73 -17.58 -24.31 20.48
N ARG B 74 -17.51 -24.58 19.17
CA ARG B 74 -16.67 -25.65 18.65
C ARG B 74 -15.19 -25.35 18.85
N LEU B 75 -14.81 -24.08 18.70
CA LEU B 75 -13.43 -23.66 18.93
C LEU B 75 -13.02 -23.83 20.41
N GLN B 76 -13.97 -23.61 21.32
CA GLN B 76 -13.71 -23.82 22.74
C GLN B 76 -13.25 -25.26 23.00
N THR B 77 -13.87 -26.22 22.30
CA THR B 77 -13.62 -27.64 22.51
C THR B 77 -12.71 -28.24 21.43
N HIS B 78 -12.04 -27.39 20.67
CA HIS B 78 -10.95 -27.84 19.81
C HIS B 78 -9.83 -28.33 20.74
N PRO B 79 -9.34 -29.55 20.52
CA PRO B 79 -8.42 -30.18 21.49
C PRO B 79 -7.10 -29.44 21.69
N PHE B 80 -6.62 -28.78 20.63
CA PHE B 80 -5.31 -28.12 20.66
C PHE B 80 -5.39 -26.60 20.77
N LEU B 81 -6.40 -26.01 20.14
CA LEU B 81 -6.59 -24.57 20.16
C LEU B 81 -7.28 -24.07 21.43
N GLY B 82 -8.31 -24.81 21.85
CA GLY B 82 -9.16 -24.47 23.00
C GLY B 82 -8.45 -23.89 24.21
N PRO B 83 -7.45 -24.61 24.76
CA PRO B 83 -6.67 -24.09 25.88
C PRO B 83 -5.93 -22.77 25.60
N LYS B 84 -5.65 -22.48 24.33
CA LYS B 84 -4.87 -21.30 23.97
C LYS B 84 -5.73 -20.10 23.57
N LEU B 85 -7.03 -20.32 23.39
CA LEU B 85 -7.89 -19.30 22.79
C LEU B 85 -8.60 -18.43 23.81
N THR B 86 -8.76 -17.16 23.48
CA THR B 86 -9.76 -16.33 24.13
C THR B 86 -10.83 -16.12 23.07
N ILE B 87 -12.07 -16.42 23.41
CA ILE B 87 -13.16 -16.38 22.43
C ILE B 87 -14.24 -15.36 22.80
N TYR B 88 -14.44 -14.40 21.92
CA TYR B 88 -15.53 -13.44 22.02
C TYR B 88 -16.59 -13.82 21.00
N GLN B 89 -17.82 -14.00 21.47
CA GLN B 89 -18.93 -14.34 20.59
C GLN B 89 -19.77 -13.10 20.27
N GLN B 90 -19.48 -12.47 19.13
CA GLN B 90 -20.23 -11.29 18.66
C GLN B 90 -19.82 -10.82 17.26
N ASP B 91 -20.58 -9.86 16.75
CA ASP B 91 -20.30 -9.21 15.48
C ASP B 91 -19.08 -8.30 15.62
N ALA B 92 -18.12 -8.47 14.71
CA ALA B 92 -16.93 -7.63 14.69
C ALA B 92 -17.27 -6.14 14.68
N MET B 93 -18.26 -5.77 13.86
CA MET B 93 -18.72 -4.39 13.70
C MET B 93 -19.02 -3.70 15.03
N THR B 94 -19.52 -4.47 15.98
CA THR B 94 -19.90 -3.99 17.30
C THR B 94 -18.71 -3.94 18.24
N PHE B 95 -17.67 -4.72 17.91
CA PHE B 95 -16.58 -5.03 18.82
C PHE B 95 -15.76 -3.82 19.25
N ASN B 96 -15.58 -3.68 20.57
CA ASN B 96 -14.72 -2.64 21.09
C ASN B 96 -13.26 -3.07 21.06
N PHE B 97 -12.58 -2.74 19.96
CA PHE B 97 -11.17 -3.10 19.79
C PHE B 97 -10.25 -2.30 20.69
N GLY B 98 -10.69 -1.11 21.08
CA GLY B 98 -9.97 -0.26 22.01
C GLY B 98 -9.88 -0.93 23.36
N GLU B 99 -11.00 -1.49 23.82
CA GLU B 99 -11.04 -2.33 25.02
C GLU B 99 -10.09 -3.54 24.91
N LEU B 100 -10.16 -4.26 23.80
CA LEU B 100 -9.37 -5.47 23.65
C LEU B 100 -7.88 -5.19 23.72
N ALA B 101 -7.42 -4.15 23.03
CA ALA B 101 -6.03 -3.70 23.10
C ALA B 101 -5.61 -3.40 24.54
N GLU B 102 -6.54 -2.89 25.34
CA GLU B 102 -6.27 -2.62 26.74
C GLU B 102 -6.08 -3.91 27.55
N LYS B 103 -7.08 -4.80 27.52
CA LYS B 103 -6.98 -6.07 28.23
C LYS B 103 -5.72 -6.86 27.85
N MET B 104 -5.28 -6.67 26.61
CA MET B 104 -4.10 -7.38 26.11
C MET B 104 -2.80 -6.63 26.33
N GLY B 105 -2.89 -5.32 26.56
CA GLY B 105 -1.73 -4.50 26.87
C GLY B 105 -0.87 -4.09 25.69
N GLN B 106 -1.38 -4.23 24.47
CA GLN B 106 -0.65 -3.76 23.29
C GLN B 106 -1.51 -3.67 22.03
N PRO B 107 -1.07 -2.86 21.05
CA PRO B 107 -1.80 -2.78 19.78
C PRO B 107 -2.02 -4.16 19.18
N LEU B 108 -3.15 -4.33 18.50
CA LEU B 108 -3.59 -5.63 18.02
C LEU B 108 -3.25 -5.90 16.57
N ARG B 109 -2.84 -7.13 16.28
CA ARG B 109 -2.72 -7.57 14.91
C ARG B 109 -4.00 -8.32 14.58
N VAL B 110 -4.89 -7.65 13.87
CA VAL B 110 -6.19 -8.20 13.53
C VAL B 110 -6.05 -8.88 12.17
N PHE B 111 -6.65 -10.06 12.01
CA PHE B 111 -6.64 -10.82 10.74
C PHE B 111 -7.90 -11.65 10.63
N GLY B 112 -8.14 -12.23 9.47
CA GLY B 112 -9.25 -13.15 9.29
C GLY B 112 -10.09 -12.98 8.04
N ASN B 113 -11.25 -13.63 8.05
CA ASN B 113 -12.21 -13.64 6.93
C ASN B 113 -13.55 -13.02 7.36
N PRO B 114 -13.63 -11.69 7.34
CA PRO B 114 -14.83 -10.97 7.76
C PRO B 114 -15.98 -11.26 6.81
N PRO B 115 -17.19 -11.52 7.37
CA PRO B 115 -18.35 -11.78 6.50
C PRO B 115 -18.51 -10.61 5.54
N TYR B 116 -18.80 -10.90 4.28
CA TYR B 116 -18.81 -9.87 3.25
C TYR B 116 -19.84 -8.77 3.50
N ASN B 117 -20.94 -9.10 4.17
CA ASN B 117 -21.97 -8.13 4.52
C ASN B 117 -21.54 -7.06 5.55
N ILE B 118 -20.47 -7.31 6.30
CA ILE B 118 -19.92 -6.31 7.23
C ILE B 118 -18.60 -5.70 6.79
N SER B 119 -18.08 -6.16 5.65
CA SER B 119 -16.72 -5.80 5.21
C SER B 119 -16.42 -4.30 5.25
N THR B 120 -17.24 -3.50 4.58
CA THR B 120 -17.02 -2.05 4.49
C THR B 120 -17.13 -1.34 5.84
N PRO B 121 -18.28 -1.49 6.56
CA PRO B 121 -18.40 -0.84 7.88
C PRO B 121 -17.30 -1.26 8.86
N LEU B 122 -16.90 -2.54 8.81
CA LEU B 122 -15.82 -3.05 9.64
C LEU B 122 -14.52 -2.27 9.45
N MET B 123 -14.19 -1.99 8.20
CA MET B 123 -12.97 -1.21 7.91
C MET B 123 -13.01 0.15 8.59
N PHE B 124 -14.03 0.96 8.31
CA PHE B 124 -14.19 2.25 8.97
C PHE B 124 -14.09 2.06 10.48
N HIS B 125 -14.85 1.09 10.99
CA HIS B 125 -14.85 0.75 12.40
C HIS B 125 -13.46 0.45 12.97
N LEU B 126 -12.65 -0.31 12.24
CA LEU B 126 -11.28 -0.61 12.70
C LEU B 126 -10.37 0.60 12.66
N PHE B 127 -10.54 1.42 11.61
CA PHE B 127 -9.76 2.64 11.41
C PHE B 127 -9.96 3.64 12.54
N SER B 128 -11.20 3.71 13.04
CA SER B 128 -11.51 4.66 14.10
C SER B 128 -10.73 4.35 15.40
N TYR B 129 -10.12 3.17 15.50
CA TYR B 129 -9.31 2.78 16.67
C TYR B 129 -7.79 3.00 16.52
N THR B 130 -7.39 3.70 15.46
CA THR B 130 -5.98 4.12 15.26
C THR B 130 -4.91 3.24 15.92
N ASP B 131 -4.29 3.77 16.98
CA ASP B 131 -3.21 3.13 17.75
C ASP B 131 -3.48 1.72 18.26
N ALA B 132 -4.74 1.39 18.50
CA ALA B 132 -5.14 0.09 19.04
C ALA B 132 -4.95 -1.07 18.07
N ILE B 133 -4.75 -0.75 16.80
CA ILE B 133 -4.50 -1.75 15.76
C ILE B 133 -3.12 -1.53 15.19
N ALA B 134 -2.23 -2.51 15.35
CA ALA B 134 -0.90 -2.41 14.75
C ALA B 134 -0.93 -2.75 13.26
N ASP B 135 -1.78 -3.70 12.89
CA ASP B 135 -2.02 -4.01 11.46
C ASP B 135 -3.19 -4.95 11.24
N MET B 136 -3.55 -5.06 9.97
CA MET B 136 -4.68 -5.85 9.53
C MET B 136 -4.26 -6.70 8.34
N HIS B 137 -4.80 -7.91 8.26
CA HIS B 137 -4.64 -8.81 7.11
C HIS B 137 -5.98 -9.49 6.90
N PHE B 138 -6.71 -9.08 5.87
CA PHE B 138 -8.07 -9.60 5.68
C PHE B 138 -8.28 -10.27 4.34
N MET B 139 -9.18 -11.24 4.33
CA MET B 139 -9.75 -11.72 3.09
C MET B 139 -10.93 -10.82 2.79
N LEU B 140 -10.90 -10.14 1.66
CA LEU B 140 -12.02 -9.29 1.28
C LEU B 140 -12.40 -9.51 -0.18
N GLN B 141 -13.67 -9.27 -0.51
CA GLN B 141 -14.12 -9.27 -1.91
C GLN B 141 -13.28 -8.30 -2.73
N LYS B 142 -12.95 -8.67 -3.97
CA LYS B 142 -12.10 -7.84 -4.83
C LYS B 142 -12.64 -6.42 -5.03
N GLU B 143 -13.96 -6.29 -5.11
CA GLU B 143 -14.63 -4.98 -5.18
C GLU B 143 -14.22 -4.07 -4.01
N VAL B 144 -14.25 -4.60 -2.80
CA VAL B 144 -13.84 -3.87 -1.61
C VAL B 144 -12.35 -3.48 -1.70
N VAL B 145 -11.51 -4.44 -2.06
CA VAL B 145 -10.06 -4.19 -2.16
C VAL B 145 -9.75 -3.16 -3.24
N ASN B 146 -10.46 -3.23 -4.36
CA ASN B 146 -10.39 -2.23 -5.44
C ASN B 146 -10.57 -0.80 -4.93
N ARG B 147 -11.62 -0.62 -4.12
CA ARG B 147 -11.96 0.67 -3.56
C ARG B 147 -10.89 1.10 -2.54
N LEU B 148 -10.43 0.14 -1.75
CA LEU B 148 -9.44 0.40 -0.70
C LEU B 148 -8.14 0.98 -1.23
N VAL B 149 -7.74 0.53 -2.43
CA VAL B 149 -6.43 0.86 -2.98
C VAL B 149 -6.48 1.89 -4.12
N ALA B 150 -7.70 2.21 -4.55
CA ALA B 150 -7.92 3.06 -5.72
C ALA B 150 -7.34 4.46 -5.57
N GLY B 151 -6.66 4.91 -6.63
CA GLY B 151 -6.22 6.29 -6.75
C GLY B 151 -7.21 7.09 -7.60
N PRO B 152 -7.03 8.43 -7.66
CA PRO B 152 -7.89 9.33 -8.44
C PRO B 152 -8.00 8.90 -9.91
N ASN B 153 -9.16 9.15 -10.51
CA ASN B 153 -9.45 8.85 -11.91
C ASN B 153 -9.56 7.33 -12.18
N SER B 154 -10.10 6.62 -11.20
CA SER B 154 -10.45 5.20 -11.32
C SER B 154 -11.93 5.04 -10.98
N LYS B 155 -12.52 3.94 -11.46
CA LYS B 155 -13.94 3.65 -11.18
C LYS B 155 -14.17 3.38 -9.69
N ALA B 156 -13.20 2.71 -9.07
CA ALA B 156 -13.32 2.32 -7.67
C ALA B 156 -13.03 3.46 -6.68
N TYR B 157 -12.44 4.55 -7.17
CA TYR B 157 -12.10 5.69 -6.32
C TYR B 157 -13.35 6.30 -5.70
N GLY B 158 -13.35 6.44 -4.38
CA GLY B 158 -14.50 6.98 -3.65
C GLY B 158 -14.19 7.31 -2.20
N ARG B 159 -15.24 7.42 -1.38
CA ARG B 159 -15.10 7.77 0.04
C ARG B 159 -14.18 6.79 0.78
N LEU B 160 -14.35 5.51 0.51
CA LEU B 160 -13.56 4.47 1.17
C LEU B 160 -12.08 4.59 0.86
N SER B 161 -11.78 4.87 -0.41
CA SER B 161 -10.40 5.06 -0.89
C SER B 161 -9.68 6.15 -0.11
N VAL B 162 -10.36 7.27 0.08
CA VAL B 162 -9.79 8.42 0.77
C VAL B 162 -9.65 8.13 2.25
N MET B 163 -10.70 7.60 2.86
CA MET B 163 -10.69 7.33 4.29
C MET B 163 -9.60 6.33 4.67
N ALA B 164 -9.62 5.19 3.98
CA ALA B 164 -8.66 4.12 4.21
C ALA B 164 -7.22 4.59 4.05
N GLN B 165 -6.94 5.26 2.92
CA GLN B 165 -5.59 5.73 2.62
C GLN B 165 -5.13 6.90 3.50
N TYR B 166 -6.07 7.67 4.05
CA TYR B 166 -5.72 8.66 5.06
C TYR B 166 -5.16 7.95 6.30
N TYR B 167 -5.86 6.89 6.71
CA TYR B 167 -5.51 6.11 7.89
C TYR B 167 -4.34 5.13 7.71
N CYS B 168 -4.31 4.45 6.57
CA CYS B 168 -3.44 3.27 6.40
C CYS B 168 -2.71 3.23 5.05
N ASN B 169 -1.58 2.51 5.03
CA ASN B 169 -1.06 1.98 3.78
C ASN B 169 -1.85 0.72 3.44
N VAL B 170 -2.41 0.67 2.22
CA VAL B 170 -3.20 -0.45 1.78
C VAL B 170 -2.39 -1.29 0.80
N ILE B 171 -2.30 -2.59 1.09
CA ILE B 171 -1.35 -3.50 0.44
C ILE B 171 -2.00 -4.83 0.04
N PRO B 172 -2.58 -4.89 -1.17
CA PRO B 172 -3.08 -6.14 -1.73
C PRO B 172 -1.93 -7.12 -1.92
N VAL B 173 -2.14 -8.37 -1.57
CA VAL B 173 -1.03 -9.31 -1.44
C VAL B 173 -1.25 -10.59 -2.24
N LEU B 174 -2.50 -11.01 -2.41
CA LEU B 174 -2.83 -12.24 -3.11
C LEU B 174 -4.27 -12.20 -3.65
N GLU B 175 -4.46 -12.74 -4.86
CA GLU B 175 -5.79 -12.88 -5.45
C GLU B 175 -6.27 -14.30 -5.20
N VAL B 176 -7.52 -14.42 -4.76
CA VAL B 176 -8.04 -15.69 -4.29
C VAL B 176 -9.29 -16.09 -5.10
N PRO B 177 -9.18 -17.20 -5.88
CA PRO B 177 -10.30 -17.71 -6.67
C PRO B 177 -11.43 -18.22 -5.77
N PRO B 178 -12.68 -18.16 -6.26
CA PRO B 178 -13.82 -18.77 -5.57
C PRO B 178 -13.57 -20.20 -5.09
N SER B 179 -12.88 -21.00 -5.90
CA SER B 179 -12.63 -22.41 -5.59
C SER B 179 -11.80 -22.65 -4.32
N ALA B 180 -11.18 -21.60 -3.79
CA ALA B 180 -10.43 -21.73 -2.54
C ALA B 180 -11.34 -21.84 -1.32
N PHE B 181 -12.63 -21.59 -1.50
CA PHE B 181 -13.61 -21.63 -0.40
C PHE B 181 -14.60 -22.80 -0.54
N THR B 182 -15.19 -23.18 0.58
CA THR B 182 -16.28 -24.15 0.60
C THR B 182 -17.47 -23.52 1.30
N PRO B 183 -18.57 -23.26 0.54
CA PRO B 183 -18.66 -23.40 -0.91
C PRO B 183 -18.11 -22.15 -1.58
N PRO B 184 -17.93 -22.16 -2.91
CA PRO B 184 -17.38 -20.97 -3.57
C PRO B 184 -18.31 -19.75 -3.46
N PRO B 185 -17.74 -18.56 -3.20
CA PRO B 185 -18.53 -17.32 -3.17
C PRO B 185 -18.86 -16.84 -4.58
N LYS B 186 -19.71 -15.82 -4.68
CA LYS B 186 -20.10 -15.23 -5.97
C LYS B 186 -18.96 -14.49 -6.68
N VAL B 187 -18.01 -13.95 -5.91
CA VAL B 187 -16.94 -13.12 -6.48
C VAL B 187 -15.51 -13.55 -6.11
N ASP B 188 -14.54 -13.01 -6.85
CA ASP B 188 -13.13 -13.10 -6.51
C ASP B 188 -12.88 -12.39 -5.19
N SER B 189 -11.95 -12.93 -4.42
CA SER B 189 -11.52 -12.33 -3.18
C SER B 189 -10.06 -11.94 -3.32
N ALA B 190 -9.57 -11.16 -2.36
CA ALA B 190 -8.16 -10.82 -2.28
C ALA B 190 -7.75 -10.74 -0.83
N VAL B 191 -6.48 -11.07 -0.58
CA VAL B 191 -5.86 -10.90 0.72
C VAL B 191 -5.20 -9.52 0.75
N VAL B 192 -5.66 -8.67 1.65
CA VAL B 192 -5.08 -7.35 1.78
C VAL B 192 -4.53 -7.09 3.18
N ARG B 193 -3.34 -6.51 3.21
CA ARG B 193 -2.72 -6.00 4.43
C ARG B 193 -2.91 -4.48 4.54
N LEU B 194 -3.37 -4.04 5.70
CA LEU B 194 -3.46 -2.61 6.01
C LEU B 194 -2.67 -2.28 7.26
N VAL B 195 -1.76 -1.33 7.13
CA VAL B 195 -0.94 -0.89 8.24
C VAL B 195 -1.23 0.58 8.45
N PRO B 196 -1.75 0.94 9.63
CA PRO B 196 -1.90 2.36 9.95
C PRO B 196 -0.55 3.07 9.80
N HIS B 197 -0.55 4.27 9.24
CA HIS B 197 0.68 5.06 9.13
C HIS B 197 1.24 5.33 10.52
N ALA B 198 2.54 5.08 10.70
CA ALA B 198 3.21 5.46 11.95
C ALA B 198 3.28 6.98 12.01
N THR B 199 3.70 7.56 10.89
CA THR B 199 3.62 8.99 10.64
C THR B 199 2.66 9.19 9.48
N MET B 200 1.59 9.94 9.72
CA MET B 200 0.61 10.22 8.67
C MET B 200 1.17 11.21 7.63
N PRO B 201 1.23 10.79 6.35
CA PRO B 201 1.73 11.63 5.25
C PRO B 201 0.92 12.93 5.06
N HIS B 202 -0.39 12.84 5.27
CA HIS B 202 -1.27 13.99 5.06
C HIS B 202 -2.21 14.20 6.26
N PRO B 203 -1.64 14.60 7.42
CA PRO B 203 -2.35 14.66 8.69
C PRO B 203 -3.53 15.64 8.68
N VAL B 204 -4.55 15.33 9.49
CA VAL B 204 -5.78 16.09 9.53
C VAL B 204 -6.19 16.32 10.97
N LYS B 205 -6.61 17.55 11.27
CA LYS B 205 -6.99 17.94 12.62
C LYS B 205 -8.32 17.33 13.07
N ASP B 206 -9.22 17.09 12.11
CA ASP B 206 -10.55 16.55 12.42
C ASP B 206 -11.09 15.67 11.30
N VAL B 207 -11.13 14.37 11.55
CA VAL B 207 -11.49 13.37 10.53
C VAL B 207 -12.99 13.34 10.20
N ARG B 208 -13.84 13.77 11.14
CA ARG B 208 -15.28 13.97 10.86
C ARG B 208 -15.49 14.87 9.65
N VAL B 209 -14.62 15.88 9.53
CA VAL B 209 -14.65 16.83 8.42
C VAL B 209 -14.29 16.14 7.10
N LEU B 210 -13.21 15.37 7.10
CA LEU B 210 -12.81 14.58 5.92
C LEU B 210 -13.91 13.61 5.50
N SER B 211 -14.52 12.96 6.47
CA SER B 211 -15.63 12.07 6.19
C SER B 211 -16.73 12.86 5.48
N ARG B 212 -17.14 13.98 6.09
CA ARG B 212 -18.22 14.83 5.59
C ARG B 212 -17.94 15.36 4.19
N ILE B 213 -16.74 15.90 4.00
CA ILE B 213 -16.27 16.42 2.71
C ILE B 213 -16.34 15.34 1.62
N THR B 214 -15.66 14.22 1.83
CA THR B 214 -15.65 13.13 0.85
C THR B 214 -17.05 12.58 0.58
N THR B 215 -17.87 12.51 1.65
CA THR B 215 -19.26 12.08 1.53
C THR B 215 -20.04 12.99 0.57
N GLU B 216 -20.07 14.28 0.87
CA GLU B 216 -20.78 15.25 0.02
C GLU B 216 -20.15 15.40 -1.35
N ALA B 217 -18.83 15.25 -1.43
CA ALA B 217 -18.11 15.27 -2.70
C ALA B 217 -18.51 14.11 -3.62
N PHE B 218 -18.51 12.89 -3.10
CA PHE B 218 -18.76 11.70 -3.92
C PHE B 218 -20.23 11.35 -4.16
N ASN B 219 -21.14 12.04 -3.46
CA ASN B 219 -22.56 11.92 -3.74
C ASN B 219 -22.94 12.61 -5.05
N GLN B 220 -22.32 13.77 -5.30
CA GLN B 220 -22.52 14.50 -6.55
C GLN B 220 -21.32 14.27 -7.49
N ARG B 221 -21.01 12.99 -7.68
CA ARG B 221 -19.83 12.52 -8.42
C ARG B 221 -19.61 13.14 -9.80
N ARG B 222 -20.70 13.40 -10.52
CA ARG B 222 -20.63 13.96 -11.87
C ARG B 222 -20.51 15.50 -11.87
N LYS B 223 -20.81 16.13 -10.74
CA LYS B 223 -20.77 17.58 -10.61
C LYS B 223 -19.40 18.04 -10.09
N THR B 224 -19.00 19.26 -10.46
CA THR B 224 -17.70 19.80 -10.05
C THR B 224 -17.67 20.12 -8.56
N ILE B 225 -16.44 20.22 -8.05
CA ILE B 225 -16.18 20.55 -6.65
C ILE B 225 -16.71 21.94 -6.28
N ARG B 226 -16.83 22.82 -7.29
CA ARG B 226 -17.50 24.12 -7.13
C ARG B 226 -18.98 23.93 -6.80
N ASN B 227 -19.66 23.07 -7.58
CA ASN B 227 -21.06 22.74 -7.33
C ASN B 227 -21.24 21.94 -6.05
N SER B 228 -20.61 20.77 -6.01
CA SER B 228 -20.81 19.80 -4.94
C SER B 228 -20.43 20.28 -3.55
N LEU B 229 -19.36 21.08 -3.48
CA LEU B 229 -18.83 21.55 -2.20
C LEU B 229 -18.95 23.05 -2.03
N GLY B 230 -19.79 23.67 -2.87
CA GLY B 230 -20.01 25.11 -2.81
C GLY B 230 -20.51 25.62 -1.46
N ASN B 231 -21.18 24.73 -0.72
CA ASN B 231 -21.73 25.05 0.60
C ASN B 231 -20.65 25.18 1.67
N LEU B 232 -19.48 24.62 1.40
CA LEU B 232 -18.40 24.55 2.38
C LEU B 232 -17.16 25.37 1.97
N PHE B 233 -16.92 25.44 0.66
CA PHE B 233 -15.75 26.15 0.13
C PHE B 233 -16.13 27.09 -0.99
N SER B 234 -15.48 28.25 -0.99
CA SER B 234 -15.59 29.21 -2.08
C SER B 234 -14.59 28.83 -3.16
N VAL B 235 -14.76 29.41 -4.35
CA VAL B 235 -13.82 29.26 -5.45
C VAL B 235 -12.40 29.76 -5.04
N GLU B 236 -12.37 30.84 -4.26
CA GLU B 236 -11.12 31.44 -3.78
C GLU B 236 -10.33 30.52 -2.83
N VAL B 237 -11.03 29.97 -1.84
CA VAL B 237 -10.42 29.01 -0.90
C VAL B 237 -9.76 27.83 -1.63
N LEU B 238 -10.47 27.26 -2.60
CA LEU B 238 -9.93 26.14 -3.36
C LEU B 238 -8.68 26.53 -4.15
N THR B 239 -8.76 27.66 -4.85
CA THR B 239 -7.67 28.18 -5.66
C THR B 239 -6.42 28.43 -4.81
N GLY B 240 -6.63 28.96 -3.61
CA GLY B 240 -5.53 29.31 -2.71
C GLY B 240 -4.93 28.12 -1.99
N MET B 241 -5.42 26.92 -2.31
CA MET B 241 -4.86 25.68 -1.80
C MET B 241 -4.27 24.85 -2.94
N GLY B 242 -4.48 25.29 -4.17
CA GLY B 242 -3.95 24.61 -5.33
C GLY B 242 -4.89 23.55 -5.84
N ILE B 243 -6.17 23.71 -5.50
CA ILE B 243 -7.21 22.78 -5.92
C ILE B 243 -8.08 23.44 -6.97
N ASP B 244 -8.10 22.85 -8.15
CA ASP B 244 -8.92 23.27 -9.28
C ASP B 244 -10.41 23.11 -8.93
N PRO B 245 -11.15 24.24 -8.92
CA PRO B 245 -12.59 24.24 -8.67
C PRO B 245 -13.39 23.59 -9.80
N ALA B 246 -12.76 23.44 -10.97
CA ALA B 246 -13.42 22.88 -12.16
C ALA B 246 -13.33 21.34 -12.25
N MET B 247 -12.45 20.75 -11.47
CA MET B 247 -12.35 19.29 -11.43
C MET B 247 -13.49 18.67 -10.61
N ARG B 248 -13.74 17.38 -10.85
CA ARG B 248 -14.83 16.68 -10.21
C ARG B 248 -14.29 15.78 -9.10
N ALA B 249 -15.20 15.23 -8.29
CA ALA B 249 -14.83 14.46 -7.09
C ALA B 249 -13.70 13.45 -7.27
N GLU B 250 -13.75 12.67 -8.34
CA GLU B 250 -12.77 11.63 -8.59
C GLU B 250 -11.41 12.16 -9.08
N ASN B 251 -11.36 13.44 -9.47
CA ASN B 251 -10.13 14.10 -9.93
C ASN B 251 -9.27 14.58 -8.75
N ILE B 252 -9.90 14.82 -7.61
CA ILE B 252 -9.25 15.35 -6.41
C ILE B 252 -8.42 14.26 -5.72
N SER B 253 -7.13 14.53 -5.47
CA SER B 253 -6.27 13.55 -4.81
C SER B 253 -6.60 13.42 -3.32
N VAL B 254 -6.17 12.31 -2.70
CA VAL B 254 -6.30 12.11 -1.24
C VAL B 254 -5.66 13.26 -0.46
N ALA B 255 -4.45 13.65 -0.86
CA ALA B 255 -3.76 14.80 -0.24
C ALA B 255 -4.61 16.08 -0.30
N GLN B 256 -5.32 16.28 -1.42
CA GLN B 256 -6.18 17.45 -1.60
C GLN B 256 -7.44 17.42 -0.71
N TYR B 257 -8.06 16.25 -0.56
CA TYR B 257 -9.17 16.13 0.40
C TYR B 257 -8.73 16.47 1.83
N CYS B 258 -7.51 16.06 2.18
CA CYS B 258 -6.91 16.40 3.47
C CYS B 258 -6.63 17.91 3.63
N GLN B 259 -6.18 18.56 2.55
CA GLN B 259 -6.01 20.02 2.54
C GLN B 259 -7.33 20.70 2.87
N MET B 260 -8.36 20.28 2.14
CA MET B 260 -9.73 20.75 2.33
C MET B 260 -10.21 20.49 3.76
N ALA B 261 -9.91 19.31 4.28
CA ALA B 261 -10.34 18.93 5.63
C ALA B 261 -9.73 19.85 6.67
N ASN B 262 -8.43 20.09 6.57
CA ASN B 262 -7.74 20.98 7.50
C ASN B 262 -8.21 22.42 7.45
N TYR B 263 -8.38 22.96 6.24
CA TYR B 263 -8.89 24.32 6.09
C TYR B 263 -10.23 24.49 6.79
N LEU B 264 -11.16 23.56 6.56
CA LEU B 264 -12.49 23.64 7.14
C LEU B 264 -12.46 23.56 8.68
N ALA B 265 -11.43 22.91 9.22
CA ALA B 265 -11.15 23.01 10.65
C ALA B 265 -10.50 24.37 10.96
N GLU B 266 -11.32 25.41 10.80
CA GLU B 266 -10.97 26.82 11.01
C GLU B 266 -12.28 27.59 10.88
N ASN B 267 -13.09 27.19 9.90
CA ASN B 267 -14.42 27.73 9.68
C ASN B 267 -15.39 27.40 10.81
#